data_5SAK
#
_entry.id   5SAK
#
_cell.length_a   45.330
_cell.length_b   73.690
_cell.length_c   52.740
_cell.angle_alpha   90.000
_cell.angle_beta   109.699
_cell.angle_gamma   90.000
#
_symmetry.space_group_name_H-M   'P 1 21 1'
#
loop_
_entity.id
_entity.type
_entity.pdbx_description
1 polymer Endothiapepsin
2 non-polymer 'DIMETHYL SULFOXIDE'
3 non-polymer (1Z,3Z)-3-(2-phenylhydrazinylidene)-2,3-dihydro-1H-isoindol-1-imine
4 non-polymer GLYCEROL
5 water water
#
_entity_poly.entity_id   1
_entity_poly.type   'polypeptide(L)'
_entity_poly.pdbx_seq_one_letter_code
;MSSPLKNALVTAMLAGGALSSPTKQHVGIPVNASPEVGPGKYSFKQVRNPNYKFNGPLSVKKTYLKYGVPIPAWLEDAVQ
NSTSGLAERSTGSATTTPIDSLDDAYITPVQIGTPAQTLNLDFDTGSSDLWVFSSETTASEVDGQTIYTPSKSTTAKLLS
GATWSISYGDGSSSSGDVYTDTVSVGGLTVTGQAVESAKKVSSSFTEDSTIDGLLGLAFSTLNTVSPTQQKTFFDNAKAS
LDSPVFTADLGYHAPGTYNFGFIDTTAYTGSITYTAVSTKQGFWEWTSTGYAVGSGTFKSTSIDGIADTGTTLLYLPATV
VSAYWAQVSGAKSSSSVGGYVFPCSATLPSFTFGVGSARIVIPGDYIDFGPISTGSSSCFGGIQSSAGIGINIFGDVALK
AAFVVFNGATTPTLGFASK
;
_entity_poly.pdbx_strand_id   A
#
loop_
_chem_comp.id
_chem_comp.type
_chem_comp.name
_chem_comp.formula
DMS non-polymer 'DIMETHYL SULFOXIDE' 'C2 H6 O S'
GOL non-polymer GLYCEROL 'C3 H8 O3'
ZRY non-polymer (1Z,3Z)-3-(2-phenylhydrazinylidene)-2,3-dihydro-1H-isoindol-1-imine 'C14 H12 N4'
#
# COMPACT_ATOMS: atom_id res chain seq x y z
N SER A 90 -4.57 -17.30 16.26
CA SER A 90 -3.94 -16.02 16.70
C SER A 90 -4.47 -14.86 15.90
N THR A 91 -4.18 -13.66 16.40
CA THR A 91 -4.50 -12.41 15.70
C THR A 91 -3.38 -11.42 15.98
N GLY A 92 -3.34 -10.35 15.17
CA GLY A 92 -2.52 -9.18 15.45
C GLY A 92 -3.28 -7.93 15.07
N SER A 93 -2.87 -6.81 15.69
CA SER A 93 -3.52 -5.52 15.43
C SER A 93 -2.47 -4.45 15.67
N ALA A 94 -2.21 -3.62 14.66
CA ALA A 94 -1.22 -2.55 14.77
C ALA A 94 -1.78 -1.28 14.18
N THR A 95 -1.41 -0.16 14.80
CA THR A 95 -1.78 1.15 14.27
C THR A 95 -0.86 1.53 13.14
N THR A 96 -1.45 2.11 12.10
CA THR A 96 -0.73 2.63 10.96
C THR A 96 -0.92 4.14 10.90
N THR A 97 0.15 4.87 10.60
CA THR A 97 0.18 6.33 10.75
C THR A 97 0.67 6.97 9.46
N PRO A 98 0.01 8.01 8.97
CA PRO A 98 0.57 8.73 7.81
C PRO A 98 1.96 9.30 8.10
N ILE A 99 2.82 9.27 7.09
CA ILE A 99 4.18 9.76 7.29
C ILE A 99 4.28 11.27 7.26
N ASP A 100 3.28 11.97 6.74
CA ASP A 100 3.33 13.40 6.57
C ASP A 100 1.90 13.91 6.48
N SER A 101 1.75 15.22 6.29
CA SER A 101 0.45 15.89 6.34
C SER A 101 -0.40 15.63 5.10
N LEU A 102 0.17 14.99 4.09
CA LEU A 102 -0.53 14.70 2.85
C LEU A 102 -0.94 13.24 2.75
N ASP A 103 -0.62 12.41 3.75
CA ASP A 103 -0.87 10.96 3.68
C ASP A 103 -0.11 10.37 2.48
N ASP A 104 1.14 10.78 2.29
CA ASP A 104 1.90 10.26 1.17
C ASP A 104 2.16 8.76 1.27
N ALA A 105 2.19 8.24 2.49
CA ALA A 105 2.36 6.81 2.75
C ALA A 105 2.04 6.63 4.21
N TYR A 106 1.99 5.36 4.64
CA TYR A 106 1.66 5.01 5.99
C TYR A 106 2.74 4.08 6.53
N ILE A 107 3.08 4.25 7.80
CA ILE A 107 4.05 3.39 8.48
C ILE A 107 3.41 2.69 9.67
N THR A 108 3.87 1.45 9.89
CA THR A 108 3.36 0.58 10.93
C THR A 108 4.55 -0.02 11.66
N PRO A 109 4.56 -0.01 12.99
CA PRO A 109 5.72 -0.53 13.71
C PRO A 109 5.75 -2.05 13.66
N VAL A 110 6.96 -2.60 13.46
CA VAL A 110 7.19 -4.03 13.33
C VAL A 110 8.37 -4.39 14.21
N GLN A 111 8.25 -5.45 14.99
CA GLN A 111 9.34 -5.94 15.84
C GLN A 111 10.10 -7.02 15.10
N ILE A 112 11.41 -6.87 14.98
CA ILE A 112 12.25 -7.84 14.28
C ILE A 112 13.37 -8.29 15.22
N GLY A 113 13.58 -9.58 15.34
CA GLY A 113 14.73 -10.08 16.08
C GLY A 113 14.52 -10.23 17.58
N THR A 114 15.60 -10.71 18.22
CA THR A 114 15.64 -10.96 19.66
C THR A 114 16.94 -10.41 20.21
N PRO A 115 16.91 -9.46 21.14
CA PRO A 115 15.73 -8.71 21.56
C PRO A 115 15.13 -7.95 20.37
N ALA A 116 13.89 -7.52 20.51
CA ALA A 116 13.19 -6.85 19.42
C ALA A 116 13.92 -5.59 18.98
N GLN A 117 13.96 -5.39 17.68
CA GLN A 117 14.35 -4.12 17.06
C GLN A 117 13.10 -3.63 16.33
N THR A 118 12.55 -2.48 16.75
CA THR A 118 11.33 -1.98 16.15
C THR A 118 11.65 -1.02 15.01
N LEU A 119 11.16 -1.35 13.82
CA LEU A 119 11.29 -0.55 12.61
C LEU A 119 9.91 -0.19 12.12
N ASN A 120 9.77 0.98 11.50
CA ASN A 120 8.50 1.45 10.98
C ASN A 120 8.44 1.16 9.50
N LEU A 121 7.58 0.21 9.11
CA LEU A 121 7.57 -0.28 7.75
C LEU A 121 6.32 0.18 7.01
N ASP A 122 6.47 0.27 5.70
CA ASP A 122 5.37 0.58 4.79
C ASP A 122 4.73 -0.73 4.35
N PHE A 123 3.55 -1.00 4.89
CA PHE A 123 2.81 -2.22 4.54
C PHE A 123 2.23 -2.06 3.15
N ASP A 124 2.62 -2.96 2.25
CA ASP A 124 2.41 -2.75 0.81
C ASP A 124 1.70 -3.95 0.18
N THR A 125 0.41 -3.84 -0.04
CA THR A 125 -0.34 -4.90 -0.71
C THR A 125 -0.05 -4.99 -2.20
N GLY A 126 0.81 -4.15 -2.73
CA GLY A 126 1.27 -4.22 -4.10
C GLY A 126 2.65 -4.78 -4.31
N SER A 127 3.29 -5.35 -3.28
CA SER A 127 4.57 -6.03 -3.46
C SER A 127 4.69 -7.11 -2.39
N SER A 128 5.77 -7.92 -2.48
CA SER A 128 5.81 -9.17 -1.73
C SER A 128 7.15 -9.41 -1.06
N ASP A 129 7.95 -8.37 -0.85
CA ASP A 129 9.23 -8.43 -0.16
C ASP A 129 9.12 -7.66 1.16
N LEU A 130 9.66 -8.24 2.23
CA LEU A 130 9.82 -7.58 3.52
C LEU A 130 11.30 -7.23 3.55
N TRP A 131 11.62 -5.95 3.32
CA TRP A 131 13.01 -5.50 3.30
C TRP A 131 13.17 -4.33 4.23
N VAL A 132 14.39 -4.20 4.77
CA VAL A 132 14.68 -3.19 5.78
C VAL A 132 16.03 -2.53 5.53
N PHE A 133 16.09 -1.24 5.88
CA PHE A 133 17.37 -0.60 6.11
C PHE A 133 18.11 -1.39 7.19
N SER A 134 19.43 -1.48 7.06
CA SER A 134 20.17 -2.36 7.94
C SER A 134 21.57 -1.85 8.18
N SER A 135 22.29 -2.55 9.06
CA SER A 135 23.70 -2.31 9.29
C SER A 135 24.55 -2.61 8.07
N GLU A 136 23.97 -3.24 7.05
CA GLU A 136 24.64 -3.55 5.80
C GLU A 136 24.39 -2.51 4.73
N THR A 137 23.48 -1.56 4.96
CA THR A 137 23.14 -0.59 3.92
C THR A 137 24.30 0.39 3.76
N THR A 138 24.72 0.62 2.50
CA THR A 138 25.74 1.63 2.20
C THR A 138 25.51 2.88 3.03
N ALA A 139 26.53 3.29 3.78
CA ALA A 139 26.33 4.32 4.79
C ALA A 139 25.80 5.61 4.18
N SER A 140 26.31 5.99 3.01
CA SER A 140 25.85 7.24 2.41
C SER A 140 24.41 7.20 1.94
N GLU A 141 23.78 6.04 1.94
CA GLU A 141 22.40 5.86 1.52
C GLU A 141 21.45 5.78 2.69
N VAL A 142 21.96 5.93 3.91
CA VAL A 142 21.14 5.98 5.12
C VAL A 142 21.14 7.42 5.62
N ASP A 143 19.96 7.98 5.86
CA ASP A 143 19.81 9.36 6.34
C ASP A 143 18.61 9.44 7.28
N GLY A 144 18.80 8.99 8.52
CA GLY A 144 17.80 9.11 9.56
C GLY A 144 16.93 7.89 9.79
N GLN A 145 16.96 6.90 8.89
CA GLN A 145 16.17 5.69 9.11
C GLN A 145 16.70 4.90 10.29
N THR A 146 15.79 4.16 10.94
CA THR A 146 16.20 3.14 11.90
C THR A 146 16.59 1.88 11.16
N ILE A 147 17.71 1.27 11.59
CA ILE A 147 18.28 0.12 10.90
C ILE A 147 18.12 -1.14 11.73
N TYR A 148 17.96 -2.25 11.01
CA TYR A 148 18.06 -3.59 11.57
C TYR A 148 19.52 -4.04 11.57
N THR A 149 19.98 -4.53 12.71
CA THR A 149 21.35 -5.02 12.84
C THR A 149 21.27 -6.51 13.14
N PRO A 150 21.40 -7.37 12.15
CA PRO A 150 21.21 -8.80 12.42
C PRO A 150 22.20 -9.38 13.40
N SER A 151 23.42 -8.85 13.48
CA SER A 151 24.39 -9.41 14.40
C SER A 151 23.99 -9.22 15.84
N LYS A 152 23.05 -8.34 16.15
CA LYS A 152 22.57 -8.14 17.50
C LYS A 152 21.32 -8.94 17.80
N SER A 153 20.84 -9.74 16.85
CA SER A 153 19.67 -10.58 17.06
C SER A 153 20.10 -12.03 17.22
N THR A 154 19.76 -12.63 18.36
CA THR A 154 20.17 -14.00 18.62
C THR A 154 19.40 -15.00 17.81
N THR A 155 18.29 -14.59 17.18
CA THR A 155 17.47 -15.46 16.36
C THR A 155 17.71 -15.25 14.87
N ALA A 156 18.57 -14.31 14.48
CA ALA A 156 18.83 -14.10 13.06
C ALA A 156 19.74 -15.19 12.51
N LYS A 157 19.44 -15.62 11.29
CA LYS A 157 20.28 -16.58 10.59
C LYS A 157 20.42 -16.13 9.14
N LEU A 158 21.66 -16.06 8.64
CA LEU A 158 21.85 -15.71 7.25
C LEU A 158 21.25 -16.80 6.40
N LEU A 159 20.49 -16.43 5.39
CA LEU A 159 19.94 -17.40 4.43
C LEU A 159 21.01 -17.55 3.35
N SER A 160 21.71 -18.66 3.38
CA SER A 160 22.92 -18.84 2.59
CA SER A 160 22.93 -18.84 2.60
C SER A 160 22.66 -18.69 1.11
N GLY A 161 23.39 -17.78 0.47
CA GLY A 161 23.36 -17.62 -0.95
C GLY A 161 22.21 -16.80 -1.48
N ALA A 162 21.29 -16.37 -0.62
CA ALA A 162 20.09 -15.68 -1.08
C ALA A 162 20.34 -14.19 -1.27
N THR A 163 19.86 -13.67 -2.38
CA THR A 163 19.88 -12.24 -2.63
C THR A 163 18.51 -11.81 -3.10
N TRP A 164 18.28 -10.50 -3.09
CA TRP A 164 17.04 -9.93 -3.58
C TRP A 164 17.34 -8.60 -4.25
N SER A 165 16.43 -8.20 -5.13
CA SER A 165 16.54 -6.95 -5.87
C SER A 165 15.16 -6.62 -6.41
N ILE A 166 14.68 -5.42 -6.10
CA ILE A 166 13.33 -5.02 -6.47
C ILE A 166 13.32 -3.61 -7.00
N SER A 167 12.37 -3.32 -7.89
CA SER A 167 12.09 -1.96 -8.32
C SER A 167 10.60 -1.73 -8.33
N TYR A 168 10.20 -0.48 -8.11
CA TYR A 168 8.82 -0.14 -7.87
C TYR A 168 8.32 0.84 -8.93
N GLY A 169 7.02 1.12 -8.85
CA GLY A 169 6.34 1.88 -9.89
C GLY A 169 6.86 3.30 -10.06
N ASP A 170 7.46 3.87 -9.02
CA ASP A 170 8.03 5.21 -9.06
C ASP A 170 9.47 5.21 -9.54
N GLY A 171 10.00 4.06 -9.97
CA GLY A 171 11.37 3.97 -10.38
C GLY A 171 12.38 3.77 -9.27
N SER A 172 11.93 3.69 -8.03
CA SER A 172 12.83 3.43 -6.93
C SER A 172 13.20 1.94 -6.87
N SER A 173 14.23 1.63 -6.10
CA SER A 173 14.74 0.27 -6.06
C SER A 173 15.56 0.05 -4.80
N SER A 174 15.82 -1.23 -4.52
CA SER A 174 16.65 -1.64 -3.38
C SER A 174 17.05 -3.08 -3.60
N SER A 175 18.13 -3.50 -2.92
CA SER A 175 18.65 -4.85 -3.11
C SER A 175 19.54 -5.22 -1.92
N GLY A 176 19.78 -6.52 -1.76
CA GLY A 176 20.68 -6.95 -0.70
C GLY A 176 20.69 -8.45 -0.51
N ASP A 177 20.92 -8.85 0.75
CA ASP A 177 20.98 -10.26 1.16
C ASP A 177 19.84 -10.54 2.12
N VAL A 178 19.79 -11.75 2.66
CA VAL A 178 18.58 -12.20 3.35
C VAL A 178 18.93 -12.90 4.64
N TYR A 179 18.18 -12.60 5.70
CA TYR A 179 18.23 -13.32 6.96
C TYR A 179 16.86 -13.93 7.18
N THR A 180 16.79 -14.97 8.00
CA THR A 180 15.53 -15.32 8.62
C THR A 180 15.58 -14.91 10.08
N ASP A 181 14.45 -14.42 10.59
CA ASP A 181 14.37 -13.95 11.97
C ASP A 181 12.92 -13.94 12.40
N THR A 182 12.73 -13.68 13.70
CA THR A 182 11.38 -13.56 14.26
C THR A 182 10.83 -12.17 13.98
N VAL A 183 9.62 -12.12 13.44
CA VAL A 183 8.95 -10.86 13.12
C VAL A 183 7.59 -10.83 13.78
N SER A 184 7.27 -9.73 14.46
CA SER A 184 5.99 -9.58 15.13
C SER A 184 5.32 -8.29 14.70
N VAL A 185 4.02 -8.37 14.43
CA VAL A 185 3.20 -7.20 14.08
C VAL A 185 2.01 -7.19 15.02
N GLY A 186 1.94 -6.19 15.87
CA GLY A 186 0.74 -6.02 16.64
C GLY A 186 0.42 -7.21 17.48
N GLY A 187 1.44 -7.91 17.99
CA GLY A 187 1.22 -9.08 18.83
C GLY A 187 1.16 -10.42 18.11
N LEU A 188 1.18 -10.43 16.79
CA LEU A 188 1.22 -11.65 15.99
C LEU A 188 2.66 -11.94 15.61
N THR A 189 3.15 -13.14 15.91
CA THR A 189 4.55 -13.50 15.71
C THR A 189 4.73 -14.58 14.66
N VAL A 190 5.68 -14.38 13.76
CA VAL A 190 6.12 -15.37 12.79
C VAL A 190 7.58 -15.66 13.06
N THR A 191 7.93 -16.92 13.26
CA THR A 191 9.34 -17.30 13.33
C THR A 191 9.82 -17.71 11.95
N GLY A 192 11.12 -17.52 11.70
CA GLY A 192 11.67 -17.89 10.40
C GLY A 192 11.21 -17.05 9.22
N GLN A 193 10.75 -15.83 9.47
CA GLN A 193 10.40 -14.91 8.38
C GLN A 193 11.65 -14.44 7.64
N ALA A 194 11.59 -14.45 6.30
CA ALA A 194 12.65 -13.84 5.50
C ALA A 194 12.61 -12.33 5.67
N VAL A 195 13.72 -11.80 6.18
CA VAL A 195 13.95 -10.37 6.38
C VAL A 195 15.08 -9.99 5.42
N GLU A 196 14.71 -9.20 4.41
CA GLU A 196 15.62 -8.87 3.33
C GLU A 196 16.38 -7.62 3.74
N SER A 197 17.69 -7.75 3.91
CA SER A 197 18.52 -6.68 4.43
C SER A 197 19.09 -5.89 3.26
N ALA A 198 18.82 -4.59 3.22
CA ALA A 198 19.29 -3.78 2.11
C ALA A 198 20.80 -3.52 2.19
N LYS A 199 21.50 -3.81 1.10
CA LYS A 199 22.85 -3.31 0.89
C LYS A 199 22.85 -2.01 0.12
N LYS A 200 21.88 -1.82 -0.75
CA LYS A 200 21.73 -0.62 -1.57
C LYS A 200 20.26 -0.22 -1.58
N VAL A 201 20.01 1.09 -1.54
CA VAL A 201 18.67 1.67 -1.76
C VAL A 201 18.82 2.87 -2.67
N SER A 202 17.79 3.14 -3.47
CA SER A 202 17.81 4.31 -4.34
C SER A 202 17.47 5.58 -3.59
N SER A 203 17.66 6.71 -4.29
CA SER A 203 17.64 8.01 -3.64
C SER A 203 16.31 8.31 -2.95
N SER A 204 15.18 7.89 -3.55
N SER A 204 15.19 7.91 -3.55
CA SER A 204 13.90 8.21 -2.96
CA SER A 204 13.91 8.22 -2.94
C SER A 204 13.72 7.54 -1.59
C SER A 204 13.76 7.58 -1.57
N PHE A 205 14.33 6.38 -1.38
CA PHE A 205 14.30 5.75 -0.06
C PHE A 205 15.21 6.49 0.91
N THR A 206 16.43 6.81 0.49
CA THR A 206 17.33 7.54 1.36
C THR A 206 16.71 8.84 1.82
N GLU A 207 16.02 9.53 0.91
CA GLU A 207 15.50 10.86 1.17
C GLU A 207 14.29 10.85 2.08
N ASP A 208 13.69 9.70 2.34
CA ASP A 208 12.53 9.59 3.20
C ASP A 208 12.95 8.94 4.53
N SER A 209 13.21 9.77 5.51
CA SER A 209 13.71 9.26 6.77
C SER A 209 12.67 8.55 7.58
N THR A 210 11.41 8.63 7.19
CA THR A 210 10.31 8.07 7.99
C THR A 210 10.02 6.60 7.71
N ILE A 211 10.51 6.07 6.60
CA ILE A 211 10.22 4.70 6.18
C ILE A 211 11.49 3.86 6.31
N ASP A 212 11.44 2.88 7.20
CA ASP A 212 12.57 2.02 7.50
C ASP A 212 12.62 0.77 6.63
N GLY A 213 11.64 0.60 5.74
CA GLY A 213 11.57 -0.55 4.86
C GLY A 213 10.11 -0.81 4.51
N LEU A 214 9.91 -1.94 3.82
CA LEU A 214 8.62 -2.32 3.31
C LEU A 214 8.24 -3.67 3.86
N LEU A 215 6.94 -3.89 4.07
CA LEU A 215 6.43 -5.25 4.39
C LEU A 215 5.39 -5.61 3.35
N GLY A 216 5.79 -6.48 2.41
CA GLY A 216 4.92 -6.82 1.30
C GLY A 216 3.79 -7.75 1.71
N LEU A 217 2.62 -7.50 1.13
CA LEU A 217 1.38 -8.20 1.42
C LEU A 217 0.62 -8.60 0.15
N ALA A 218 1.26 -8.51 -1.01
CA ALA A 218 0.77 -9.13 -2.23
C ALA A 218 1.10 -10.63 -2.19
N PHE A 219 0.88 -11.35 -3.29
CA PHE A 219 1.06 -12.79 -3.28
C PHE A 219 2.55 -13.14 -3.38
N SER A 220 2.90 -14.25 -2.75
CA SER A 220 4.31 -14.59 -2.63
C SER A 220 4.98 -14.93 -3.96
N THR A 221 4.20 -15.19 -5.01
CA THR A 221 4.74 -15.39 -6.34
C THR A 221 5.50 -14.17 -6.86
N LEU A 222 5.29 -12.98 -6.28
CA LEU A 222 6.08 -11.80 -6.66
C LEU A 222 7.37 -11.62 -5.87
N ASN A 223 7.63 -12.43 -4.84
CA ASN A 223 8.79 -12.19 -4.01
C ASN A 223 10.05 -12.33 -4.84
N THR A 224 11.02 -11.43 -4.63
CA THR A 224 12.19 -11.38 -5.50
C THR A 224 13.38 -12.19 -5.00
N VAL A 225 13.29 -12.87 -3.87
CA VAL A 225 14.47 -13.57 -3.36
C VAL A 225 14.88 -14.68 -4.32
N SER A 226 16.18 -14.76 -4.59
CA SER A 226 16.78 -15.75 -5.45
C SER A 226 17.95 -16.41 -4.72
N PRO A 227 18.17 -17.73 -4.93
CA PRO A 227 17.48 -18.60 -5.89
C PRO A 227 16.23 -19.29 -5.37
N THR A 228 15.88 -19.06 -4.12
CA THR A 228 14.73 -19.69 -3.49
C THR A 228 13.77 -18.59 -3.05
N GLN A 229 12.64 -18.50 -3.74
N GLN A 229 12.63 -18.49 -3.75
CA GLN A 229 11.67 -17.45 -3.43
CA GLN A 229 11.63 -17.48 -3.41
C GLN A 229 11.11 -17.66 -2.02
C GLN A 229 11.15 -17.68 -1.98
N GLN A 230 10.85 -16.56 -1.32
CA GLN A 230 10.41 -16.55 0.06
C GLN A 230 8.95 -16.11 0.19
N LYS A 231 8.35 -16.46 1.30
CA LYS A 231 6.95 -16.17 1.59
C LYS A 231 6.78 -14.84 2.33
N THR A 232 5.64 -14.19 2.06
CA THR A 232 5.30 -12.97 2.81
C THR A 232 4.97 -13.29 4.26
N PHE A 233 4.97 -12.25 5.08
CA PHE A 233 4.56 -12.35 6.46
C PHE A 233 3.17 -12.92 6.59
N PHE A 234 2.23 -12.47 5.75
CA PHE A 234 0.87 -12.99 5.82
C PHE A 234 0.81 -14.45 5.43
N ASP A 235 1.50 -14.84 4.37
N ASP A 235 1.55 -14.82 4.38
CA ASP A 235 1.47 -16.26 4.02
CA ASP A 235 1.59 -16.21 3.91
C ASP A 235 2.03 -17.10 5.15
C ASP A 235 2.15 -17.13 4.99
N ASN A 236 3.15 -16.66 5.75
CA ASN A 236 3.70 -17.46 6.86
C ASN A 236 2.76 -17.51 8.05
N ALA A 237 2.00 -16.43 8.31
CA ALA A 237 1.13 -16.40 9.48
C ALA A 237 -0.19 -17.10 9.26
N LYS A 238 -0.59 -17.27 7.99
CA LYS A 238 -1.99 -17.54 7.66
C LYS A 238 -2.56 -18.74 8.39
N ALA A 239 -1.82 -19.85 8.43
CA ALA A 239 -2.36 -21.07 9.02
C ALA A 239 -2.62 -20.91 10.51
N SER A 240 -1.87 -20.04 11.20
N SER A 240 -1.86 -20.04 11.20
CA SER A 240 -2.04 -19.82 12.62
CA SER A 240 -1.98 -19.77 12.63
C SER A 240 -3.18 -18.87 12.93
C SER A 240 -3.09 -18.79 12.95
N LEU A 241 -3.59 -18.05 11.96
CA LEU A 241 -4.58 -17.02 12.23
C LEU A 241 -5.97 -17.61 12.48
N ASP A 242 -6.76 -16.90 13.29
CA ASP A 242 -8.12 -17.36 13.55
C ASP A 242 -8.92 -17.47 12.25
N SER A 243 -8.69 -16.56 11.32
CA SER A 243 -9.31 -16.55 10.02
CA SER A 243 -9.31 -16.56 10.01
C SER A 243 -8.23 -16.07 9.06
N PRO A 244 -8.18 -16.60 7.83
CA PRO A 244 -7.04 -16.30 6.93
C PRO A 244 -7.18 -14.99 6.16
N VAL A 245 -7.16 -13.89 6.91
CA VAL A 245 -7.49 -12.56 6.41
C VAL A 245 -6.61 -11.54 7.06
N PHE A 246 -6.46 -10.41 6.37
CA PHE A 246 -6.01 -9.19 7.03
C PHE A 246 -6.86 -8.04 6.53
N THR A 247 -6.92 -6.95 7.32
CA THR A 247 -7.71 -5.81 6.95
C THR A 247 -6.91 -4.53 7.03
N ALA A 248 -7.22 -3.63 6.10
CA ALA A 248 -6.60 -2.31 6.00
C ALA A 248 -7.67 -1.26 6.26
N ASP A 249 -7.41 -0.45 7.28
CA ASP A 249 -8.29 0.64 7.67
C ASP A 249 -7.43 1.89 7.76
N LEU A 250 -7.13 2.48 6.60
CA LEU A 250 -6.22 3.64 6.56
C LEU A 250 -7.01 4.89 6.90
N GLY A 251 -6.39 5.79 7.66
CA GLY A 251 -7.02 7.05 8.02
C GLY A 251 -6.76 8.17 7.04
N TYR A 252 -7.66 9.13 6.99
CA TYR A 252 -7.43 10.39 6.27
C TYR A 252 -6.88 11.38 7.28
N HIS A 253 -5.64 11.76 7.10
CA HIS A 253 -5.00 12.68 8.02
C HIS A 253 -5.12 12.23 9.47
N ALA A 254 -5.01 10.95 9.71
CA ALA A 254 -5.27 10.39 11.03
C ALA A 254 -4.74 8.95 11.05
N PRO A 255 -4.43 8.42 12.24
CA PRO A 255 -4.07 7.00 12.32
C PRO A 255 -5.21 6.07 11.94
N GLY A 256 -4.81 4.84 11.64
CA GLY A 256 -5.70 3.78 11.23
C GLY A 256 -5.12 2.47 11.72
N THR A 257 -5.57 1.35 11.15
CA THR A 257 -5.24 0.03 11.70
C THR A 257 -5.06 -0.99 10.61
N TYR A 258 -4.06 -1.87 10.80
CA TYR A 258 -3.97 -3.15 10.11
C TYR A 258 -4.26 -4.25 11.12
N ASN A 259 -5.26 -5.09 10.83
CA ASN A 259 -5.56 -6.26 11.64
C ASN A 259 -5.27 -7.52 10.87
N PHE A 260 -4.79 -8.53 11.58
CA PHE A 260 -4.49 -9.85 11.02
C PHE A 260 -5.31 -10.90 11.75
N GLY A 261 -6.07 -11.68 10.99
CA GLY A 261 -6.75 -12.84 11.55
C GLY A 261 -8.16 -12.65 12.02
N PHE A 262 -8.72 -11.43 11.92
CA PHE A 262 -10.07 -11.17 12.36
C PHE A 262 -10.58 -9.91 11.68
N ILE A 263 -11.90 -9.81 11.58
CA ILE A 263 -12.63 -8.66 11.08
C ILE A 263 -13.27 -7.94 12.27
N ASP A 264 -12.88 -6.68 12.48
CA ASP A 264 -13.43 -5.85 13.55
C ASP A 264 -14.75 -5.28 13.05
N THR A 265 -15.86 -5.86 13.50
CA THR A 265 -17.17 -5.47 13.03
C THR A 265 -17.59 -4.10 13.55
N THR A 266 -16.81 -3.50 14.47
CA THR A 266 -17.07 -2.12 14.88
C THR A 266 -16.39 -1.09 14.01
N ALA A 267 -15.55 -1.50 13.07
CA ALA A 267 -14.70 -0.57 12.33
C ALA A 267 -15.30 -0.10 11.02
N TYR A 268 -16.51 -0.51 10.69
CA TYR A 268 -17.11 -0.11 9.43
C TYR A 268 -18.62 0.01 9.63
N THR A 269 -19.27 0.65 8.67
CA THR A 269 -20.72 0.79 8.64
C THR A 269 -21.28 -0.13 7.58
N GLY A 270 -22.56 -0.43 7.70
CA GLY A 270 -23.21 -1.27 6.71
C GLY A 270 -22.59 -2.66 6.64
N SER A 271 -22.60 -3.24 5.45
N SER A 271 -22.59 -3.23 5.44
CA SER A 271 -22.04 -4.56 5.21
CA SER A 271 -22.04 -4.56 5.20
C SER A 271 -20.76 -4.47 4.38
C SER A 271 -20.81 -4.50 4.32
N ILE A 272 -20.02 -5.57 4.40
CA ILE A 272 -18.83 -5.72 3.56
C ILE A 272 -19.29 -6.40 2.28
N THR A 273 -19.02 -5.79 1.12
CA THR A 273 -19.27 -6.42 -0.16
C THR A 273 -17.98 -7.05 -0.66
N TYR A 274 -18.03 -8.35 -0.90
CA TYR A 274 -16.91 -9.10 -1.42
C TYR A 274 -16.96 -9.19 -2.94
N THR A 275 -15.79 -9.22 -3.55
CA THR A 275 -15.64 -9.24 -5.00
C THR A 275 -14.47 -10.15 -5.36
N ALA A 276 -14.55 -10.70 -6.57
CA ALA A 276 -13.57 -11.69 -7.01
C ALA A 276 -12.19 -11.09 -7.21
N VAL A 277 -11.17 -11.91 -7.01
CA VAL A 277 -9.77 -11.55 -7.18
C VAL A 277 -9.13 -12.47 -8.20
N SER A 278 -8.29 -11.92 -9.08
CA SER A 278 -7.37 -12.70 -9.90
C SER A 278 -5.98 -12.55 -9.32
N THR A 279 -5.32 -13.68 -9.08
CA THR A 279 -3.94 -13.69 -8.60
C THR A 279 -2.93 -13.88 -9.72
N LYS A 280 -3.38 -13.84 -10.98
CA LYS A 280 -2.50 -14.19 -12.09
C LYS A 280 -1.32 -13.24 -12.25
N GLN A 281 -1.42 -11.99 -11.82
CA GLN A 281 -0.30 -11.08 -11.88
C GLN A 281 0.37 -10.91 -10.51
N GLY A 282 -0.03 -11.70 -9.51
CA GLY A 282 0.54 -11.61 -8.18
C GLY A 282 -0.07 -10.55 -7.29
N PHE A 283 -1.08 -9.82 -7.77
CA PHE A 283 -1.69 -8.70 -7.09
C PHE A 283 -3.08 -9.07 -6.58
N TRP A 284 -3.59 -8.22 -5.68
CA TRP A 284 -4.99 -8.25 -5.27
C TRP A 284 -5.77 -7.52 -6.34
N GLU A 285 -6.00 -8.20 -7.46
CA GLU A 285 -6.56 -7.62 -8.67
C GLU A 285 -8.04 -7.95 -8.78
N TRP A 286 -8.87 -6.94 -8.99
CA TRP A 286 -10.32 -7.07 -8.95
C TRP A 286 -10.92 -6.15 -10.01
N THR A 287 -12.23 -6.19 -10.17
CA THR A 287 -12.92 -5.38 -11.20
C THR A 287 -13.99 -4.53 -10.55
N SER A 288 -13.77 -3.23 -10.52
CA SER A 288 -14.78 -2.28 -10.11
C SER A 288 -15.90 -2.24 -11.13
N THR A 289 -17.12 -2.00 -10.64
CA THR A 289 -18.31 -1.98 -11.49
C THR A 289 -18.66 -0.59 -12.03
N GLY A 290 -17.91 0.45 -11.67
CA GLY A 290 -18.12 1.73 -12.31
C GLY A 290 -17.78 2.88 -11.38
N TYR A 291 -18.25 4.07 -11.78
CA TYR A 291 -17.88 5.26 -11.02
C TYR A 291 -18.92 6.36 -11.16
N ALA A 292 -18.83 7.33 -10.26
CA ALA A 292 -19.55 8.59 -10.40
C ALA A 292 -18.65 9.72 -9.96
N VAL A 293 -18.92 10.91 -10.49
CA VAL A 293 -18.18 12.13 -10.13
C VAL A 293 -19.14 13.04 -9.38
N GLY A 294 -18.80 13.38 -8.14
CA GLY A 294 -19.66 14.23 -7.33
C GLY A 294 -21.05 13.64 -7.25
N SER A 295 -22.06 14.48 -7.45
CA SER A 295 -23.46 14.05 -7.39
C SER A 295 -23.98 13.56 -8.74
N GLY A 296 -23.08 13.32 -9.69
CA GLY A 296 -23.47 12.83 -10.99
C GLY A 296 -23.97 11.39 -10.98
N THR A 297 -24.54 11.02 -12.12
CA THR A 297 -25.05 9.66 -12.26
C THR A 297 -23.91 8.65 -12.35
N PHE A 298 -24.18 7.47 -11.84
CA PHE A 298 -23.20 6.40 -11.84
C PHE A 298 -23.10 5.80 -13.23
N LYS A 299 -21.87 5.65 -13.70
CA LYS A 299 -21.56 5.01 -14.98
C LYS A 299 -21.15 3.57 -14.73
N SER A 300 -21.94 2.64 -15.23
CA SER A 300 -21.63 1.23 -15.10
C SER A 300 -20.59 0.85 -16.15
N THR A 301 -19.41 0.43 -15.70
CA THR A 301 -18.33 0.06 -16.60
C THR A 301 -17.30 -0.70 -15.79
N SER A 302 -16.75 -1.76 -16.37
CA SER A 302 -15.79 -2.59 -15.64
C SER A 302 -14.42 -1.96 -15.66
N ILE A 303 -13.83 -1.82 -14.49
CA ILE A 303 -12.51 -1.24 -14.34
C ILE A 303 -11.66 -2.25 -13.57
N ASP A 304 -10.75 -2.91 -14.28
N ASP A 304 -10.83 -2.99 -14.30
CA ASP A 304 -9.87 -3.90 -13.67
CA ASP A 304 -9.87 -3.89 -13.66
C ASP A 304 -8.66 -3.19 -13.06
C ASP A 304 -8.78 -3.06 -12.99
N GLY A 305 -8.38 -3.44 -11.78
CA GLY A 305 -7.26 -2.78 -11.16
C GLY A 305 -6.85 -3.50 -9.90
N ILE A 306 -5.86 -2.95 -9.21
CA ILE A 306 -5.26 -3.61 -8.05
C ILE A 306 -5.49 -2.78 -6.79
N ALA A 307 -5.72 -3.46 -5.66
CA ALA A 307 -5.78 -2.82 -4.36
C ALA A 307 -4.37 -2.75 -3.81
N ASP A 308 -3.77 -1.54 -3.82
CA ASP A 308 -2.35 -1.34 -3.54
C ASP A 308 -2.11 -0.30 -2.46
N THR A 309 -1.94 -0.74 -1.22
CA THR A 309 -1.71 0.20 -0.13
C THR A 309 -0.38 0.92 -0.24
N GLY A 310 0.53 0.42 -1.05
CA GLY A 310 1.81 1.08 -1.24
C GLY A 310 1.87 2.10 -2.37
N THR A 311 0.79 2.30 -3.11
CA THR A 311 0.66 3.42 -4.05
C THR A 311 -0.19 4.50 -3.40
N THR A 312 0.27 5.75 -3.48
CA THR A 312 -0.42 6.83 -2.77
C THR A 312 -1.75 7.21 -3.43
N LEU A 313 -1.75 7.30 -4.75
CA LEU A 313 -2.88 7.91 -5.46
C LEU A 313 -3.78 6.86 -6.11
N LEU A 314 -4.82 7.34 -6.75
CA LEU A 314 -5.80 6.55 -7.49
C LEU A 314 -5.54 6.73 -8.98
N TYR A 315 -5.13 5.67 -9.66
CA TYR A 315 -4.79 5.68 -11.07
C TYR A 315 -5.85 4.93 -11.86
N LEU A 316 -6.52 5.62 -12.78
CA LEU A 316 -7.68 5.11 -13.49
C LEU A 316 -7.59 5.43 -14.97
N PRO A 317 -8.42 4.85 -15.80
CA PRO A 317 -8.30 5.11 -17.25
C PRO A 317 -8.47 6.58 -17.56
N ALA A 318 -7.81 7.00 -18.64
CA ALA A 318 -7.83 8.42 -19.01
C ALA A 318 -9.22 8.98 -19.19
N THR A 319 -10.15 8.19 -19.74
CA THR A 319 -11.52 8.67 -19.91
C THR A 319 -12.16 9.04 -18.58
N VAL A 320 -11.96 8.20 -17.56
CA VAL A 320 -12.56 8.40 -16.25
C VAL A 320 -11.93 9.62 -15.58
N VAL A 321 -10.61 9.73 -15.67
CA VAL A 321 -9.89 10.82 -15.03
C VAL A 321 -10.25 12.16 -15.68
N SER A 322 -10.41 12.17 -17.01
CA SER A 322 -10.82 13.38 -17.70
C SER A 322 -12.20 13.81 -17.25
N ALA A 323 -13.12 12.85 -17.09
CA ALA A 323 -14.46 13.17 -16.62
C ALA A 323 -14.45 13.74 -15.22
N TYR A 324 -13.58 13.26 -14.36
CA TYR A 324 -13.47 13.82 -13.02
C TYR A 324 -12.96 15.27 -13.06
N TRP A 325 -11.80 15.49 -13.68
CA TRP A 325 -11.18 16.81 -13.62
C TRP A 325 -11.93 17.86 -14.43
N ALA A 326 -12.78 17.43 -15.38
CA ALA A 326 -13.62 18.37 -16.09
C ALA A 326 -14.61 19.07 -15.15
N GLN A 327 -14.87 18.52 -13.97
CA GLN A 327 -15.77 19.14 -13.01
C GLN A 327 -15.07 20.13 -12.09
N VAL A 328 -13.79 20.38 -12.29
CA VAL A 328 -13.00 21.25 -11.43
C VAL A 328 -12.53 22.43 -12.29
N SER A 329 -13.07 23.63 -12.01
N SER A 329 -13.07 23.61 -12.03
CA SER A 329 -12.68 24.82 -12.76
CA SER A 329 -12.72 24.76 -12.86
C SER A 329 -11.17 25.04 -12.70
C SER A 329 -11.23 25.08 -12.73
N GLY A 330 -10.56 25.16 -13.87
CA GLY A 330 -9.15 25.46 -13.93
C GLY A 330 -8.24 24.25 -13.87
N ALA A 331 -8.75 23.06 -13.67
CA ALA A 331 -7.91 21.88 -13.66
C ALA A 331 -7.39 21.56 -15.06
N LYS A 332 -6.17 21.03 -15.13
CA LYS A 332 -5.56 20.69 -16.41
C LYS A 332 -4.53 19.60 -16.19
N SER A 333 -4.26 18.86 -17.27
CA SER A 333 -3.16 17.92 -17.24
C SER A 333 -1.88 18.62 -17.68
N SER A 334 -0.87 18.59 -16.81
CA SER A 334 0.37 19.31 -17.00
C SER A 334 1.47 18.29 -17.34
N SER A 335 2.01 18.38 -18.54
CA SER A 335 3.13 17.50 -18.89
CA SER A 335 3.13 17.50 -18.88
C SER A 335 4.37 17.84 -18.06
N SER A 336 4.57 19.11 -17.75
CA SER A 336 5.75 19.48 -16.97
C SER A 336 5.67 18.96 -15.55
N VAL A 337 4.48 18.97 -14.95
CA VAL A 337 4.36 18.50 -13.58
C VAL A 337 4.23 17.00 -13.53
N GLY A 338 3.65 16.39 -14.55
CA GLY A 338 3.45 14.95 -14.58
C GLY A 338 2.05 14.46 -14.22
N GLY A 339 1.03 15.28 -14.40
CA GLY A 339 -0.33 14.83 -14.18
C GLY A 339 -1.25 16.02 -14.07
N TYR A 340 -2.45 15.73 -13.63
CA TYR A 340 -3.47 16.74 -13.43
C TYR A 340 -3.15 17.57 -12.20
N VAL A 341 -3.29 18.85 -12.38
CA VAL A 341 -3.16 19.88 -11.33
C VAL A 341 -4.41 20.73 -11.33
N PHE A 342 -4.65 21.41 -10.23
CA PHE A 342 -5.87 22.20 -10.11
C PHE A 342 -5.62 23.37 -9.17
N PRO A 343 -6.41 24.44 -9.26
CA PRO A 343 -6.20 25.58 -8.37
C PRO A 343 -6.37 25.19 -6.93
N CYS A 344 -5.43 25.58 -6.09
CA CYS A 344 -5.51 25.22 -4.68
C CYS A 344 -6.73 25.80 -4.00
N SER A 345 -7.31 26.86 -4.59
CA SER A 345 -8.55 27.47 -4.08
C SER A 345 -9.80 26.66 -4.39
N ALA A 346 -9.71 25.62 -5.19
CA ALA A 346 -10.92 24.86 -5.51
C ALA A 346 -11.38 23.98 -4.37
N THR A 347 -12.68 23.73 -4.35
CA THR A 347 -13.29 22.66 -3.54
C THR A 347 -13.56 21.50 -4.49
N LEU A 348 -12.99 20.36 -4.21
CA LEU A 348 -13.04 19.22 -5.15
C LEU A 348 -14.34 18.42 -4.96
N PRO A 349 -14.87 17.86 -6.04
CA PRO A 349 -16.00 16.93 -5.92
C PRO A 349 -15.53 15.58 -5.42
N SER A 350 -16.47 14.83 -4.83
CA SER A 350 -16.19 13.46 -4.46
C SER A 350 -16.04 12.59 -5.70
N PHE A 351 -15.55 11.38 -5.48
CA PHE A 351 -15.46 10.36 -6.51
C PHE A 351 -15.98 9.07 -5.91
N THR A 352 -16.94 8.44 -6.59
CA THR A 352 -17.50 7.17 -6.14
C THR A 352 -17.01 6.04 -7.02
N PHE A 353 -16.60 4.90 -6.43
CA PHE A 353 -16.32 3.70 -7.21
C PHE A 353 -17.23 2.55 -6.78
N GLY A 354 -17.59 1.70 -7.74
CA GLY A 354 -18.43 0.55 -7.45
C GLY A 354 -17.68 -0.69 -7.04
N VAL A 355 -18.27 -1.41 -6.07
CA VAL A 355 -17.84 -2.73 -5.67
C VAL A 355 -19.11 -3.57 -5.75
N GLY A 356 -19.25 -4.37 -6.79
CA GLY A 356 -20.52 -5.04 -7.00
C GLY A 356 -21.62 -3.98 -7.09
N SER A 357 -22.71 -4.19 -6.36
CA SER A 357 -23.79 -3.21 -6.32
CA SER A 357 -23.79 -3.20 -6.31
C SER A 357 -23.56 -2.13 -5.27
N ALA A 358 -22.49 -2.23 -4.49
CA ALA A 358 -22.17 -1.28 -3.45
C ALA A 358 -21.35 -0.12 -4.00
N ARG A 359 -21.25 0.94 -3.19
CA ARG A 359 -20.59 2.15 -3.64
C ARG A 359 -19.70 2.66 -2.52
N ILE A 360 -18.46 3.02 -2.86
CA ILE A 360 -17.53 3.63 -1.93
C ILE A 360 -17.31 5.07 -2.38
N VAL A 361 -17.53 6.02 -1.47
CA VAL A 361 -17.44 7.44 -1.80
C VAL A 361 -16.13 8.00 -1.24
N ILE A 362 -15.29 8.52 -2.14
CA ILE A 362 -14.05 9.22 -1.73
C ILE A 362 -14.40 10.69 -1.64
N PRO A 363 -14.37 11.30 -0.44
CA PRO A 363 -14.65 12.73 -0.35
C PRO A 363 -13.64 13.54 -1.17
N GLY A 364 -14.11 14.68 -1.67
CA GLY A 364 -13.24 15.54 -2.46
C GLY A 364 -11.93 15.91 -1.78
N ASP A 365 -11.95 16.17 -0.46
CA ASP A 365 -10.72 16.59 0.20
C ASP A 365 -9.66 15.51 0.14
N TYR A 366 -10.05 14.25 -0.01
CA TYR A 366 -9.06 13.16 -0.08
C TYR A 366 -8.22 13.26 -1.36
N ILE A 367 -8.71 14.01 -2.34
CA ILE A 367 -8.11 14.07 -3.66
C ILE A 367 -7.16 15.25 -3.80
N ASP A 368 -6.99 16.03 -2.73
CA ASP A 368 -6.10 17.20 -2.73
C ASP A 368 -4.75 16.80 -2.16
N PHE A 369 -3.70 16.86 -2.99
CA PHE A 369 -2.33 16.56 -2.58
C PHE A 369 -1.46 17.79 -2.47
N GLY A 370 -2.07 18.97 -2.38
CA GLY A 370 -1.37 20.17 -1.99
C GLY A 370 -0.51 20.76 -3.08
N PRO A 371 0.16 21.86 -2.74
CA PRO A 371 0.93 22.60 -3.74
C PRO A 371 1.96 21.74 -4.43
N ILE A 372 2.14 21.99 -5.72
CA ILE A 372 3.08 21.21 -6.50
C ILE A 372 4.51 21.45 -6.07
N SER A 373 4.78 22.67 -5.58
CA SER A 373 6.04 23.08 -4.99
C SER A 373 5.69 24.04 -3.87
N THR A 374 6.59 24.18 -2.91
CA THR A 374 6.27 25.00 -1.76
C THR A 374 5.86 26.41 -2.19
N GLY A 375 4.73 26.85 -1.69
CA GLY A 375 4.21 28.18 -1.94
C GLY A 375 3.40 28.34 -3.22
N SER A 376 3.34 27.32 -4.06
CA SER A 376 2.55 27.42 -5.29
C SER A 376 1.06 27.38 -4.99
N SER A 377 0.26 28.03 -5.84
CA SER A 377 -1.18 27.94 -5.79
C SER A 377 -1.74 26.91 -6.76
N SER A 378 -0.87 26.12 -7.39
N SER A 378 -0.87 26.13 -7.40
CA SER A 378 -1.29 24.98 -8.19
CA SER A 378 -1.30 24.97 -8.18
C SER A 378 -1.09 23.73 -7.35
C SER A 378 -1.10 23.74 -7.31
N CYS A 379 -2.14 22.94 -7.23
CA CYS A 379 -2.17 21.76 -6.37
C CYS A 379 -2.20 20.48 -7.19
N PHE A 380 -1.61 19.42 -6.65
CA PHE A 380 -1.52 18.16 -7.35
C PHE A 380 -2.75 17.31 -7.08
N GLY A 381 -3.32 16.75 -8.14
CA GLY A 381 -4.52 15.93 -7.99
C GLY A 381 -4.23 14.51 -7.51
N GLY A 382 -5.18 13.97 -6.76
CA GLY A 382 -5.07 12.61 -6.23
C GLY A 382 -5.66 11.51 -7.08
N ILE A 383 -6.27 11.88 -8.19
CA ILE A 383 -6.76 10.97 -9.22
C ILE A 383 -5.98 11.28 -10.48
N GLN A 384 -5.30 10.28 -11.03
CA GLN A 384 -4.39 10.44 -12.14
C GLN A 384 -4.62 9.34 -13.17
N SER A 385 -4.22 9.59 -14.40
CA SER A 385 -4.35 8.59 -15.44
C SER A 385 -3.41 7.42 -15.22
N SER A 386 -3.92 6.21 -15.49
CA SER A 386 -3.11 4.99 -15.49
C SER A 386 -2.45 4.72 -16.83
N ALA A 387 -2.63 5.59 -17.82
CA ALA A 387 -2.09 5.28 -19.14
C ALA A 387 -0.57 5.02 -19.10
N GLY A 388 0.20 5.76 -18.29
CA GLY A 388 1.65 5.53 -18.24
C GLY A 388 2.09 4.28 -17.49
N ILE A 389 1.43 3.96 -16.37
CA ILE A 389 1.88 2.85 -15.52
C ILE A 389 1.42 1.49 -16.08
N GLY A 390 0.35 1.44 -16.84
CA GLY A 390 -0.07 0.22 -17.52
C GLY A 390 -1.04 -0.67 -16.77
N ILE A 391 -1.53 -0.25 -15.61
CA ILE A 391 -2.49 -1.02 -14.82
C ILE A 391 -3.26 0.02 -14.03
N ASN A 392 -4.56 -0.21 -13.78
CA ASN A 392 -5.28 0.68 -12.87
C ASN A 392 -4.97 0.34 -11.43
N ILE A 393 -4.85 1.35 -10.58
CA ILE A 393 -4.35 1.17 -9.22
C ILE A 393 -5.25 1.89 -8.25
N PHE A 394 -5.95 1.12 -7.41
CA PHE A 394 -6.72 1.63 -6.28
C PHE A 394 -5.73 1.78 -5.12
N GLY A 395 -5.03 2.90 -5.10
CA GLY A 395 -4.09 3.23 -4.07
C GLY A 395 -4.73 3.85 -2.85
N ASP A 396 -3.89 4.46 -2.02
CA ASP A 396 -4.37 4.91 -0.71
C ASP A 396 -5.56 5.87 -0.80
N VAL A 397 -5.58 6.75 -1.80
CA VAL A 397 -6.70 7.68 -1.98
C VAL A 397 -8.02 6.95 -1.98
N ALA A 398 -8.11 5.83 -2.67
CA ALA A 398 -9.33 5.05 -2.71
C ALA A 398 -9.46 4.20 -1.45
N LEU A 399 -8.40 3.47 -1.09
CA LEU A 399 -8.53 2.50 0.00
C LEU A 399 -8.85 3.16 1.35
N LYS A 400 -8.36 4.39 1.57
CA LYS A 400 -8.61 5.02 2.86
C LYS A 400 -10.05 5.48 3.03
N ALA A 401 -10.84 5.48 1.96
CA ALA A 401 -12.28 5.74 2.09
C ALA A 401 -13.07 4.51 2.49
N ALA A 402 -12.41 3.36 2.67
CA ALA A 402 -13.09 2.11 2.93
C ALA A 402 -12.40 1.34 4.04
N PHE A 403 -13.14 0.37 4.58
CA PHE A 403 -12.58 -0.72 5.36
C PHE A 403 -12.39 -1.88 4.38
N VAL A 404 -11.15 -2.36 4.23
CA VAL A 404 -10.82 -3.27 3.15
C VAL A 404 -10.34 -4.62 3.71
N VAL A 405 -11.00 -5.67 3.30
CA VAL A 405 -10.65 -7.05 3.69
C VAL A 405 -9.88 -7.74 2.57
N PHE A 406 -8.69 -8.22 2.91
CA PHE A 406 -7.83 -9.01 2.04
C PHE A 406 -8.01 -10.44 2.52
N ASN A 407 -8.89 -11.15 1.81
CA ASN A 407 -9.30 -12.50 2.24
C ASN A 407 -8.40 -13.53 1.54
N GLY A 408 -7.51 -14.12 2.33
CA GLY A 408 -6.57 -15.13 1.87
C GLY A 408 -7.04 -16.57 1.97
N ALA A 409 -8.35 -16.79 1.91
CA ALA A 409 -8.90 -18.14 1.77
C ALA A 409 -8.35 -18.81 0.51
N THR A 410 -8.67 -20.11 0.39
CA THR A 410 -8.15 -20.91 -0.72
C THR A 410 -8.39 -20.23 -2.05
N THR A 411 -9.59 -19.67 -2.24
CA THR A 411 -9.83 -18.75 -3.35
C THR A 411 -9.87 -17.34 -2.76
N PRO A 412 -8.83 -16.52 -2.96
CA PRO A 412 -8.83 -15.18 -2.38
C PRO A 412 -9.94 -14.31 -2.93
N THR A 413 -10.42 -13.40 -2.08
CA THR A 413 -11.37 -12.37 -2.47
C THR A 413 -11.00 -11.08 -1.76
N LEU A 414 -11.65 -9.99 -2.17
CA LEU A 414 -11.49 -8.68 -1.55
C LEU A 414 -12.85 -8.20 -1.07
N GLY A 415 -12.89 -7.61 0.12
CA GLY A 415 -14.11 -7.02 0.65
C GLY A 415 -13.94 -5.53 0.89
N PHE A 416 -15.00 -4.76 0.63
CA PHE A 416 -15.01 -3.33 0.88
C PHE A 416 -16.26 -2.96 1.64
N ALA A 417 -16.10 -2.15 2.69
CA ALA A 417 -17.21 -1.53 3.39
C ALA A 417 -16.93 -0.03 3.53
N SER A 418 -18.01 0.75 3.59
CA SER A 418 -17.92 2.13 4.01
C SER A 418 -17.60 2.20 5.52
N LYS A 419 -17.17 3.37 5.98
CA LYS A 419 -16.78 3.50 7.37
C LYS A 419 -16.97 4.92 7.87
S DMS B . 1.76 -0.85 -8.57
O DMS B . 2.78 0.18 -8.20
C1 DMS B . 2.26 -1.36 -10.24
C2 DMS B . 2.26 -2.36 -7.74
H11 DMS B . 2.21 -0.54 -10.91
H12 DMS B . 3.25 -1.73 -10.22
H13 DMS B . 1.61 -2.12 -10.59
H21 DMS B . 3.26 -2.59 -7.99
H22 DMS B . 1.63 -3.16 -8.02
H23 DMS B . 2.20 -2.22 -6.69
S DMS C . 4.12 6.26 -4.68
O DMS C . 2.69 5.95 -5.01
C1 DMS C . 4.40 8.00 -4.40
C2 DMS C . 4.43 5.57 -3.03
H11 DMS C . 3.72 8.37 -3.68
H12 DMS C . 5.39 8.15 -4.05
H13 DMS C . 4.27 8.53 -5.31
H21 DMS C . 4.44 4.51 -3.08
H22 DMS C . 5.36 5.91 -2.67
H23 DMS C . 3.66 5.88 -2.37
S DMS D . -9.86 18.81 -17.66
O DMS D . -10.98 19.76 -17.91
C1 DMS D . -8.58 19.16 -18.90
C2 DMS D . -10.47 17.21 -18.23
H11 DMS D . -7.74 18.53 -18.72
H12 DMS D . -8.28 20.17 -18.83
H13 DMS D . -8.96 18.97 -19.87
H21 DMS D . -9.78 16.44 -17.98
H22 DMS D . -10.59 17.24 -19.29
H23 DMS D . -11.40 17.00 -17.78
N1 ZRY E . 3.37 -0.55 -4.07
C7 ZRY E . 4.49 2.32 -5.78
C8 ZRY E . 3.18 4.17 -8.47
N2 ZRY E . 4.42 3.22 -6.66
C9 ZRY E . 2.06 4.11 -9.29
C1 ZRY E . 5.31 0.99 -4.09
C5 ZRY E . 6.76 2.86 -4.60
C6 ZRY E . 5.60 2.12 -4.85
N3 ZRY E . 3.32 3.22 -7.43
C4 ZRY E . 7.62 2.44 -3.61
C3 ZRY E . 7.34 1.29 -2.86
C2 ZRY E . 6.20 0.55 -3.09
N ZRY E . 3.56 1.29 -5.52
C ZRY E . 4.02 0.50 -4.54
C10 ZRY E . 1.91 5.02 -10.33
C11 ZRY E . 2.85 6.00 -10.52
C12 ZRY E . 3.93 6.10 -9.68
C13 ZRY E . 4.11 5.17 -8.66
H2 ZRY E . 2.47 -0.80 -4.46
H8 ZRY E . 1.27 3.36 -9.16
H6 ZRY E . 6.97 3.75 -5.19
H7 ZRY E . 2.55 2.57 -7.32
H5 ZRY E . 8.52 3.00 -3.40
H4 ZRY E . 8.04 0.97 -2.08
H3 ZRY E . 5.99 -0.34 -2.52
H9 ZRY E . 1.05 4.94 -10.99
H10 ZRY E . 2.74 6.71 -11.35
H11 ZRY E . 4.65 6.91 -9.81
H12 ZRY E . 4.99 5.26 -8.03
H1 ZRY E . 3.77 -1.10 -3.32
H ZRY E . 2.66 1.18 -5.99
S DMS F . 14.60 7.44 -7.19
O DMS F . 14.69 6.48 -6.04
C1 DMS F . 15.76 6.83 -8.45
C2 DMS F . 13.02 7.19 -8.02
H11 DMS F . 15.50 5.83 -8.70
H12 DMS F . 16.74 6.86 -8.06
H13 DMS F . 15.69 7.44 -9.31
H21 DMS F . 12.99 7.76 -8.91
H22 DMS F . 12.23 7.48 -7.38
H23 DMS F . 12.92 6.16 -8.26
C1 GOL G . -15.62 8.78 4.05
O1 GOL G . -16.59 9.45 4.74
C2 GOL G . -16.58 7.68 3.65
O2 GOL G . -16.95 7.71 2.36
C3 GOL G . -16.20 6.38 4.35
O3 GOL G . -16.68 5.27 3.64
H11 GOL G . -14.87 8.47 4.58
H12 GOL G . -15.23 9.25 3.30
H2 GOL G . -17.46 7.85 4.04
H31 GOL G . -16.54 6.43 5.25
H32 GOL G . -15.23 6.38 4.44
HO3 GOL G . -16.03 4.94 3.23
#